data_3TEM
#
_entry.id   3TEM
#
_cell.length_a   56.764
_cell.length_b   83.571
_cell.length_c   106.281
_cell.angle_alpha   90.000
_cell.angle_beta   90.000
_cell.angle_gamma   90.000
#
_symmetry.space_group_name_H-M   'P 21 21 21'
#
loop_
_entity.id
_entity.type
_entity.pdbx_description
1 polymer 'Ribosyldihydronicotinamide dehydrogenase [quinone]'
2 non-polymer 'ZINC ION'
3 non-polymer 'FLAVIN-ADENINE DINUCLEOTIDE'
4 non-polymer hydroxy(2-{[(5S)-6-hydroxy-8-methoxy-4,5-dihydro-3H-imidazo[4,5,1-de]acridin-5-yl]amino}ethyl)dimethylammonium
5 non-polymer IMIDAZOLE
6 water water
#
_entity_poly.entity_id   1
_entity_poly.type   'polypeptide(L)'
_entity_poly.pdbx_seq_one_letter_code
;GKKVLIVYAHQEPKSFNGSLKNVAVDELSRQGCTVTVSDLYAMNFEPRATDKDITGTLSNPEVFNYGVETHEAYKQRSLA
SDITDEQKKVREADLVIFQFPLYWFSVPAILKGWMDRVLCQGFAFDIPGFYDSGLLQGKLALLSVTTGGTAEMYTKTGVN
GDSRYFLWPLQHGTLHFCGFKVLAPQISFAPEIASEEERKGMVAAWSQRLQTIWKEEPIPCTAHWHFG
;
_entity_poly.pdbx_strand_id   A,B
#
loop_
_chem_comp.id
_chem_comp.type
_chem_comp.name
_chem_comp.formula
6A1 non-polymer hydroxy(2-{[(5S)-6-hydroxy-8-methoxy-4,5-dihydro-3H-imidazo[4,5,1-de]acridin-5-yl]amino}ethyl)dimethylammonium 'C19 H25 N4 O3 1'
FAD non-polymer 'FLAVIN-ADENINE DINUCLEOTIDE' 'C27 H33 N9 O15 P2'
IMD non-polymer IMIDAZOLE 'C3 H5 N2 1'
ZN non-polymer 'ZINC ION' 'Zn 2'
#
# COMPACT_ATOMS: atom_id res chain seq x y z
N GLY A 1 -21.80 -25.03 -7.73
CA GLY A 1 -21.01 -24.94 -6.52
C GLY A 1 -19.87 -23.92 -6.68
N LYS A 2 -19.89 -22.89 -5.85
CA LYS A 2 -18.85 -21.85 -5.90
C LYS A 2 -18.15 -21.74 -4.56
N LYS A 3 -16.85 -21.40 -4.62
CA LYS A 3 -16.04 -21.20 -3.45
C LYS A 3 -15.60 -19.73 -3.39
N VAL A 4 -15.73 -19.11 -2.22
CA VAL A 4 -15.41 -17.70 -2.03
C VAL A 4 -14.44 -17.59 -0.86
N LEU A 5 -13.39 -16.81 -1.07
CA LEU A 5 -12.49 -16.38 -0.01
C LEU A 5 -12.70 -14.91 0.24
N ILE A 6 -12.89 -14.53 1.50
CA ILE A 6 -12.95 -13.15 1.91
C ILE A 6 -11.68 -12.86 2.68
N VAL A 7 -10.88 -11.93 2.17
CA VAL A 7 -9.69 -11.49 2.90
C VAL A 7 -10.07 -10.18 3.57
N TYR A 8 -10.08 -10.22 4.89
CA TYR A 8 -10.72 -9.18 5.70
C TYR A 8 -9.69 -8.48 6.59
N ALA A 9 -9.67 -7.15 6.55
CA ALA A 9 -8.64 -6.37 7.25
C ALA A 9 -9.26 -5.25 8.08
N HIS A 10 -9.82 -5.61 9.22
CA HIS A 10 -10.28 -4.64 10.22
C HIS A 10 -10.09 -5.20 11.61
N GLN A 11 -9.74 -4.33 12.54
CA GLN A 11 -9.42 -4.72 13.90
C GLN A 11 -10.62 -5.04 14.77
N GLU A 12 -11.80 -4.55 14.38
CA GLU A 12 -12.98 -4.48 15.27
C GLU A 12 -14.17 -5.22 14.64
N PRO A 13 -14.64 -6.26 15.32
CA PRO A 13 -15.72 -7.06 14.73
C PRO A 13 -17.05 -6.29 14.60
N LYS A 14 -17.23 -5.28 15.45
CA LYS A 14 -18.46 -4.48 15.46
C LYS A 14 -18.39 -3.29 14.48
N SER A 15 -17.29 -3.18 13.75
CA SER A 15 -17.12 -2.08 12.80
C SER A 15 -18.04 -2.22 11.62
N PHE A 16 -18.15 -1.14 10.83
CA PHE A 16 -18.87 -1.21 9.57
C PHE A 16 -18.24 -2.27 8.64
N ASN A 17 -16.91 -2.34 8.59
CA ASN A 17 -16.26 -3.37 7.79
C ASN A 17 -16.66 -4.74 8.29
N GLY A 18 -16.69 -4.92 9.60
CA GLY A 18 -17.06 -6.19 10.15
C GLY A 18 -18.49 -6.57 9.76
N SER A 19 -19.40 -5.59 9.77
CA SER A 19 -20.76 -5.84 9.34
C SER A 19 -20.84 -6.23 7.87
N LEU A 20 -20.07 -5.56 7.01
CA LEU A 20 -20.03 -5.91 5.60
C LEU A 20 -19.47 -7.31 5.39
N LYS A 21 -18.45 -7.68 6.15
CA LYS A 21 -17.91 -9.04 6.07
C LYS A 21 -18.98 -10.06 6.49
N ASN A 22 -19.69 -9.80 7.58
CA ASN A 22 -20.65 -10.76 8.07
C ASN A 22 -21.79 -10.90 7.12
N VAL A 23 -22.24 -9.81 6.49
CA VAL A 23 -23.37 -9.97 5.60
C VAL A 23 -22.94 -10.74 4.34
N ALA A 24 -21.68 -10.61 3.92
CA ALA A 24 -21.18 -11.40 2.82
C ALA A 24 -21.17 -12.88 3.20
N VAL A 25 -20.67 -13.18 4.38
CA VAL A 25 -20.66 -14.57 4.83
C VAL A 25 -22.09 -15.10 4.87
N ASP A 26 -23.01 -14.32 5.41
CA ASP A 26 -24.39 -14.79 5.63
C ASP A 26 -25.06 -15.02 4.30
N GLU A 27 -24.89 -14.11 3.35
CA GLU A 27 -25.57 -14.20 2.08
C GLU A 27 -24.96 -15.28 1.18
N LEU A 28 -23.63 -15.36 1.10
CA LEU A 28 -23.01 -16.36 0.29
C LEU A 28 -23.26 -17.75 0.90
N SER A 29 -23.26 -17.87 2.22
CA SER A 29 -23.57 -19.13 2.89
C SER A 29 -25.01 -19.55 2.59
N ARG A 30 -25.95 -18.59 2.65
CA ARG A 30 -27.37 -18.86 2.38
C ARG A 30 -27.52 -19.40 0.96
N GLN A 31 -26.73 -18.89 0.02
CA GLN A 31 -26.80 -19.34 -1.36
C GLN A 31 -26.27 -20.74 -1.57
N GLY A 32 -25.54 -21.24 -0.59
CA GLY A 32 -24.94 -22.55 -0.66
C GLY A 32 -23.49 -22.54 -1.11
N CYS A 33 -22.89 -21.37 -1.19
CA CYS A 33 -21.48 -21.28 -1.52
C CYS A 33 -20.62 -21.78 -0.39
N THR A 34 -19.42 -22.24 -0.73
CA THR A 34 -18.40 -22.56 0.25
C THR A 34 -17.69 -21.25 0.57
N VAL A 35 -17.52 -20.92 1.85
CA VAL A 35 -16.98 -19.61 2.21
C VAL A 35 -15.87 -19.77 3.26
N THR A 36 -14.77 -19.05 3.02
CA THR A 36 -13.63 -19.02 3.92
C THR A 36 -13.29 -17.56 4.12
N VAL A 37 -12.94 -17.20 5.36
CA VAL A 37 -12.52 -15.84 5.68
C VAL A 37 -11.10 -15.87 6.25
N SER A 38 -10.22 -15.05 5.68
CA SER A 38 -8.91 -14.79 6.29
C SER A 38 -9.00 -13.46 7.06
N ASP A 39 -9.16 -13.55 8.38
CA ASP A 39 -9.28 -12.37 9.24
C ASP A 39 -7.88 -11.99 9.66
N LEU A 40 -7.28 -11.12 8.87
CA LEU A 40 -5.83 -10.88 8.99
C LEU A 40 -5.42 -10.41 10.38
N TYR A 41 -6.15 -9.47 10.98
CA TYR A 41 -5.73 -9.02 12.29
C TYR A 41 -5.84 -10.13 13.32
N ALA A 42 -6.92 -10.90 13.28
CA ALA A 42 -7.12 -11.96 14.26
C ALA A 42 -6.09 -13.05 14.10
N MET A 43 -5.63 -13.25 12.87
CA MET A 43 -4.57 -14.20 12.55
C MET A 43 -3.17 -13.64 12.92
N ASN A 44 -3.08 -12.36 13.30
CA ASN A 44 -1.80 -11.67 13.45
C ASN A 44 -0.92 -11.88 12.21
N PHE A 45 -1.53 -11.77 11.06
CA PHE A 45 -0.85 -12.08 9.82
C PHE A 45 0.42 -11.25 9.69
N GLU A 46 1.52 -11.88 9.30
CA GLU A 46 2.82 -11.20 9.15
C GLU A 46 2.85 -10.41 7.85
N PRO A 47 3.05 -9.10 7.89
CA PRO A 47 3.05 -8.32 6.66
C PRO A 47 4.44 -8.13 6.05
N ARG A 48 5.51 -8.32 6.82
CA ARG A 48 6.85 -8.00 6.31
C ARG A 48 7.38 -9.08 5.40
N ALA A 49 7.95 -8.67 4.27
CA ALA A 49 8.61 -9.56 3.32
C ALA A 49 10.04 -9.73 3.80
N THR A 50 10.33 -10.87 4.43
CA THR A 50 11.68 -11.10 4.95
C THR A 50 12.19 -12.49 4.59
N ASP A 51 13.46 -12.71 4.89
CA ASP A 51 14.09 -14.01 4.63
C ASP A 51 13.52 -15.14 5.51
N LYS A 52 12.71 -14.79 6.51
CA LYS A 52 12.04 -15.81 7.31
C LYS A 52 10.95 -16.50 6.48
N ASP A 53 10.59 -15.93 5.34
CA ASP A 53 9.56 -16.50 4.51
C ASP A 53 10.06 -17.71 3.71
N ILE A 54 11.36 -17.96 3.72
CA ILE A 54 11.96 -19.12 3.06
C ILE A 54 12.53 -19.97 4.17
N THR A 55 12.13 -21.24 4.24
CA THR A 55 12.46 -22.04 5.41
C THR A 55 13.65 -22.95 5.15
N GLY A 56 14.20 -22.92 3.94
CA GLY A 56 15.37 -23.75 3.65
C GLY A 56 16.51 -22.94 3.06
N THR A 57 17.41 -23.62 2.38
CA THR A 57 18.65 -23.01 1.90
C THR A 57 18.29 -21.89 0.92
N LEU A 58 18.95 -20.75 1.04
CA LEU A 58 18.73 -19.63 0.12
C LEU A 58 19.60 -19.87 -1.12
N SER A 59 19.12 -19.46 -2.30
CA SER A 59 19.92 -19.62 -3.52
C SER A 59 21.14 -18.69 -3.52
N ASN A 60 21.02 -17.53 -2.89
CA ASN A 60 22.14 -16.63 -2.71
C ASN A 60 22.16 -16.05 -1.32
N PRO A 61 22.78 -16.75 -0.38
CA PRO A 61 22.81 -16.34 1.03
C PRO A 61 23.64 -15.09 1.29
N GLU A 62 24.43 -14.66 0.29
CA GLU A 62 25.30 -13.49 0.45
C GLU A 62 24.55 -12.18 0.19
N VAL A 63 23.60 -12.24 -0.73
CA VAL A 63 22.85 -11.06 -1.13
C VAL A 63 21.39 -11.48 -1.28
N PHE A 64 20.57 -11.05 -0.35
CA PHE A 64 19.18 -11.51 -0.29
C PHE A 64 18.29 -10.70 -1.21
N ASN A 65 17.59 -11.41 -2.08
CA ASN A 65 16.67 -10.84 -3.04
C ASN A 65 15.33 -11.55 -2.82
N TYR A 66 14.38 -10.83 -2.23
CA TYR A 66 13.10 -11.42 -1.85
C TYR A 66 12.38 -12.06 -3.00
N GLY A 67 12.34 -11.37 -4.13
CA GLY A 67 11.66 -11.92 -5.30
C GLY A 67 12.27 -13.23 -5.78
N VAL A 68 13.59 -13.23 -5.94
CA VAL A 68 14.28 -14.42 -6.44
C VAL A 68 14.10 -15.56 -5.44
N GLU A 69 14.27 -15.29 -4.17
CA GLU A 69 14.26 -16.38 -3.19
C GLU A 69 12.85 -16.94 -2.99
N THR A 70 11.80 -16.12 -3.00
CA THR A 70 10.43 -16.63 -2.84
C THR A 70 9.97 -17.40 -4.07
N HIS A 71 10.42 -17.02 -5.25
CA HIS A 71 10.05 -17.74 -6.45
C HIS A 71 10.65 -19.15 -6.37
N GLU A 72 11.94 -19.20 -6.03
CA GLU A 72 12.61 -20.51 -5.89
C GLU A 72 11.96 -21.32 -4.77
N ALA A 73 11.65 -20.67 -3.67
CA ALA A 73 11.05 -21.39 -2.54
C ALA A 73 9.69 -21.94 -2.91
N TYR A 74 8.91 -21.19 -3.68
CA TYR A 74 7.63 -21.68 -4.12
C TYR A 74 7.81 -22.99 -4.89
N LYS A 75 8.74 -23.00 -5.83
CA LYS A 75 8.97 -24.19 -6.68
C LYS A 75 9.49 -25.36 -5.86
N GLN A 76 10.28 -25.08 -4.83
CA GLN A 76 10.88 -26.15 -4.03
C GLN A 76 9.99 -26.58 -2.85
N ARG A 77 8.94 -25.83 -2.61
CA ARG A 77 8.05 -26.03 -1.47
C ARG A 77 8.78 -25.74 -0.16
N SER A 78 9.50 -24.64 -0.11
CA SER A 78 10.14 -24.23 1.12
C SER A 78 9.71 -22.84 1.57
N LEU A 79 8.51 -22.41 1.20
CA LEU A 79 7.96 -21.15 1.74
C LEU A 79 7.37 -21.40 3.11
N ALA A 80 7.33 -20.34 3.90
CA ALA A 80 6.69 -20.43 5.19
C ALA A 80 5.23 -20.89 5.02
N SER A 81 4.75 -21.68 5.98
CA SER A 81 3.42 -22.28 5.88
C SER A 81 2.29 -21.26 5.93
N ASP A 82 2.50 -20.11 6.57
CA ASP A 82 1.41 -19.11 6.58
C ASP A 82 1.12 -18.63 5.16
N ILE A 83 2.18 -18.53 4.35
CA ILE A 83 2.01 -18.13 2.95
C ILE A 83 1.29 -19.25 2.18
N THR A 84 1.76 -20.49 2.28
CA THR A 84 1.13 -21.54 1.49
C THR A 84 -0.30 -21.82 2.00
N ASP A 85 -0.58 -21.61 3.27
CA ASP A 85 -1.98 -21.70 3.74
C ASP A 85 -2.87 -20.72 2.98
N GLU A 86 -2.42 -19.48 2.79
CA GLU A 86 -3.22 -18.54 2.02
C GLU A 86 -3.31 -18.91 0.56
N GLN A 87 -2.21 -19.40 0.02
CA GLN A 87 -2.21 -19.80 -1.40
C GLN A 87 -3.23 -20.89 -1.64
N LYS A 88 -3.38 -21.84 -0.70
CA LYS A 88 -4.36 -22.92 -0.87
C LYS A 88 -5.76 -22.33 -0.93
N LYS A 89 -6.05 -21.35 -0.07
CA LYS A 89 -7.38 -20.73 -0.07
C LYS A 89 -7.66 -20.02 -1.40
N VAL A 90 -6.66 -19.31 -1.93
CA VAL A 90 -6.82 -18.60 -3.18
C VAL A 90 -7.00 -19.60 -4.34
N ARG A 91 -6.15 -20.63 -4.35
CA ARG A 91 -6.19 -21.62 -5.43
C ARG A 91 -7.57 -22.26 -5.51
N GLU A 92 -8.20 -22.52 -4.37
CA GLU A 92 -9.51 -23.15 -4.36
C GLU A 92 -10.68 -22.22 -4.66
N ALA A 93 -10.48 -20.91 -4.48
CA ALA A 93 -11.56 -19.97 -4.62
C ALA A 93 -11.89 -19.65 -6.06
N ASP A 94 -13.18 -19.46 -6.30
CA ASP A 94 -13.66 -18.90 -7.57
C ASP A 94 -13.71 -17.38 -7.55
N LEU A 95 -13.88 -16.84 -6.36
CA LEU A 95 -14.03 -15.41 -6.12
C LEU A 95 -13.30 -15.05 -4.84
N VAL A 96 -12.50 -13.99 -4.90
CA VAL A 96 -11.81 -13.46 -3.74
C VAL A 96 -12.32 -12.06 -3.52
N ILE A 97 -12.95 -11.85 -2.39
CA ILE A 97 -13.42 -10.53 -1.97
C ILE A 97 -12.42 -9.99 -0.95
N PHE A 98 -12.02 -8.73 -1.13
CA PHE A 98 -11.19 -8.05 -0.15
C PHE A 98 -12.05 -7.03 0.53
N GLN A 99 -12.15 -7.11 1.85
CA GLN A 99 -12.96 -6.20 2.62
C GLN A 99 -12.07 -5.38 3.54
N PHE A 100 -12.03 -4.06 3.33
CA PHE A 100 -11.09 -3.23 4.08
C PHE A 100 -11.49 -1.78 4.08
N PRO A 101 -11.08 -1.06 5.14
CA PRO A 101 -11.11 0.40 5.12
C PRO A 101 -9.94 0.95 4.29
N LEU A 102 -10.21 2.01 3.54
CA LEU A 102 -9.18 2.68 2.79
C LEU A 102 -8.23 3.35 3.76
N TYR A 103 -6.93 3.02 3.60
CA TYR A 103 -5.88 3.66 4.41
C TYR A 103 -4.91 4.29 3.41
N TRP A 104 -4.78 5.60 3.44
CA TRP A 104 -3.84 6.30 2.56
C TRP A 104 -4.02 5.91 1.10
N PHE A 105 -5.28 5.99 0.68
CA PHE A 105 -5.65 5.73 -0.72
C PHE A 105 -5.28 4.31 -1.17
N SER A 106 -5.19 3.39 -0.22
CA SER A 106 -4.72 2.04 -0.49
C SER A 106 -5.26 1.07 0.58
N VAL A 107 -4.69 -0.12 0.62
CA VAL A 107 -5.06 -1.12 1.60
C VAL A 107 -4.28 -0.91 2.90
N PRO A 108 -4.85 -1.25 4.06
CA PRO A 108 -4.06 -1.32 5.31
C PRO A 108 -2.82 -2.16 5.11
N ALA A 109 -1.73 -1.79 5.79
CA ALA A 109 -0.50 -2.50 5.63
C ALA A 109 -0.59 -4.01 5.85
N ILE A 110 -1.44 -4.46 6.77
CA ILE A 110 -1.53 -5.90 6.99
C ILE A 110 -2.01 -6.63 5.72
N LEU A 111 -2.92 -5.98 5.00
CA LEU A 111 -3.42 -6.51 3.74
C LEU A 111 -2.42 -6.29 2.60
N LYS A 112 -1.70 -5.16 2.60
CA LYS A 112 -0.62 -5.02 1.62
C LYS A 112 0.37 -6.15 1.79
N GLY A 113 0.64 -6.56 3.04
CA GLY A 113 1.59 -7.63 3.27
C GLY A 113 1.10 -8.96 2.77
N TRP A 114 -0.21 -9.18 2.87
CA TRP A 114 -0.79 -10.39 2.26
C TRP A 114 -0.55 -10.38 0.75
N MET A 115 -0.78 -9.26 0.08
CA MET A 115 -0.50 -9.18 -1.35
C MET A 115 0.99 -9.44 -1.63
N ASP A 116 1.84 -8.78 -0.85
CA ASP A 116 3.28 -8.88 -1.12
C ASP A 116 3.80 -10.33 -0.97
N ARG A 117 3.33 -11.03 0.07
CA ARG A 117 3.88 -12.32 0.44
C ARG A 117 3.13 -13.50 -0.22
N VAL A 118 1.83 -13.39 -0.39
CA VAL A 118 1.05 -14.51 -0.96
C VAL A 118 1.15 -14.60 -2.47
N LEU A 119 1.20 -13.46 -3.16
CA LEU A 119 1.13 -13.46 -4.61
C LEU A 119 2.52 -13.53 -5.22
N CYS A 120 3.25 -14.60 -4.91
CA CYS A 120 4.62 -14.71 -5.35
C CYS A 120 4.72 -15.25 -6.79
N GLN A 121 5.87 -15.02 -7.41
CA GLN A 121 6.13 -15.54 -8.73
C GLN A 121 6.06 -17.06 -8.67
N GLY A 122 5.48 -17.66 -9.68
CA GLY A 122 5.26 -19.10 -9.72
C GLY A 122 3.88 -19.50 -9.26
N PHE A 123 3.34 -18.75 -8.29
CA PHE A 123 1.98 -18.97 -7.80
C PHE A 123 0.97 -18.07 -8.53
N ALA A 124 1.18 -16.76 -8.46
CA ALA A 124 0.19 -15.80 -8.95
C ALA A 124 0.50 -15.32 -10.38
N PHE A 125 1.77 -15.32 -10.78
CA PHE A 125 2.17 -14.88 -12.11
C PHE A 125 3.49 -15.52 -12.44
N ASP A 126 3.86 -15.47 -13.71
CA ASP A 126 5.22 -15.79 -14.07
C ASP A 126 5.62 -14.80 -15.13
N ILE A 127 6.90 -14.80 -15.46
CA ILE A 127 7.43 -13.82 -16.40
C ILE A 127 8.07 -14.65 -17.46
N PRO A 128 7.32 -14.94 -18.54
CA PRO A 128 5.96 -14.46 -18.88
C PRO A 128 4.80 -15.20 -18.21
N GLY A 129 3.61 -14.59 -18.27
CA GLY A 129 2.43 -15.14 -17.61
C GLY A 129 1.86 -14.13 -16.63
N PHE A 130 1.45 -12.98 -17.15
CA PHE A 130 0.86 -11.93 -16.31
C PHE A 130 -0.18 -11.14 -17.11
N TYR A 131 -0.87 -10.24 -16.41
CA TYR A 131 -2.10 -9.64 -16.91
C TYR A 131 -3.02 -10.75 -17.44
N ASP A 132 -3.46 -10.71 -18.69
CA ASP A 132 -4.47 -11.67 -19.12
C ASP A 132 -3.94 -13.11 -19.05
N SER A 133 -2.61 -13.27 -19.07
CA SER A 133 -1.99 -14.60 -18.95
C SER A 133 -1.54 -14.94 -17.53
N GLY A 134 -1.92 -14.13 -16.56
CA GLY A 134 -1.56 -14.42 -15.17
C GLY A 134 -2.06 -15.75 -14.69
N LEU A 135 -1.46 -16.26 -13.61
CA LEU A 135 -1.70 -17.66 -13.25
C LEU A 135 -3.02 -17.90 -12.53
N LEU A 136 -3.62 -16.83 -12.05
CA LEU A 136 -4.93 -16.89 -11.38
C LEU A 136 -6.07 -16.61 -12.36
N GLN A 137 -5.80 -16.74 -13.67
CA GLN A 137 -6.84 -16.62 -14.68
C GLN A 137 -7.97 -17.59 -14.39
N GLY A 138 -9.17 -17.15 -14.70
CA GLY A 138 -10.35 -17.92 -14.39
C GLY A 138 -11.00 -17.54 -13.06
N LYS A 139 -10.27 -16.80 -12.23
CA LYS A 139 -10.80 -16.38 -10.95
C LYS A 139 -11.30 -14.95 -11.00
N LEU A 140 -12.22 -14.64 -10.12
CA LEU A 140 -12.75 -13.29 -9.98
C LEU A 140 -12.24 -12.65 -8.68
N ALA A 141 -12.11 -11.34 -8.69
CA ALA A 141 -11.78 -10.57 -7.49
C ALA A 141 -12.66 -9.36 -7.39
N LEU A 142 -12.89 -8.92 -6.17
CA LEU A 142 -13.77 -7.78 -5.91
C LEU A 142 -13.24 -7.03 -4.69
N LEU A 143 -13.06 -5.72 -4.81
CA LEU A 143 -12.68 -4.87 -3.71
C LEU A 143 -13.93 -4.28 -3.09
N SER A 144 -14.13 -4.53 -1.79
CA SER A 144 -15.18 -3.89 -1.02
C SER A 144 -14.51 -2.99 0.01
N VAL A 145 -14.58 -1.69 -0.27
CA VAL A 145 -13.81 -0.68 0.41
C VAL A 145 -14.75 0.27 1.12
N THR A 146 -14.34 0.70 2.30
CA THR A 146 -15.00 1.80 3.00
C THR A 146 -14.07 3.00 3.08
N THR A 147 -14.62 4.23 3.12
CA THR A 147 -13.81 5.45 3.17
C THR A 147 -14.23 6.36 4.29
N GLY A 148 -13.31 7.23 4.68
CA GLY A 148 -13.66 8.43 5.44
C GLY A 148 -14.26 9.52 4.57
N GLY A 149 -13.68 9.74 3.39
CA GLY A 149 -14.14 10.79 2.49
C GLY A 149 -15.48 10.49 1.83
N THR A 150 -16.23 11.53 1.52
CA THR A 150 -17.50 11.33 0.89
C THR A 150 -17.38 11.04 -0.60
N ALA A 151 -18.45 10.56 -1.19
CA ALA A 151 -18.49 10.33 -2.63
C ALA A 151 -18.14 11.59 -3.42
N GLU A 152 -18.67 12.75 -3.00
CA GLU A 152 -18.39 13.99 -3.72
C GLU A 152 -16.92 14.39 -3.62
N MET A 153 -16.27 14.06 -2.52
CA MET A 153 -14.85 14.33 -2.40
C MET A 153 -14.07 13.48 -3.39
N TYR A 154 -14.57 12.28 -3.64
CA TYR A 154 -13.94 11.37 -4.59
C TYR A 154 -14.54 11.47 -5.99
N THR A 155 -14.59 12.69 -6.52
CA THR A 155 -14.94 12.90 -7.91
C THR A 155 -13.81 13.61 -8.63
N LYS A 156 -13.85 13.60 -9.95
CA LYS A 156 -12.82 14.21 -10.76
C LYS A 156 -12.52 15.61 -10.31
N THR A 157 -13.56 16.38 -9.98
CA THR A 157 -13.39 17.78 -9.61
C THR A 157 -13.27 17.97 -8.10
N GLY A 158 -13.30 16.88 -7.35
CA GLY A 158 -13.18 16.92 -5.90
C GLY A 158 -11.73 16.86 -5.48
N VAL A 159 -11.46 17.15 -4.21
CA VAL A 159 -10.08 17.35 -3.77
C VAL A 159 -9.30 16.04 -3.83
N ASN A 160 -10.00 14.92 -3.67
CA ASN A 160 -9.34 13.63 -3.64
C ASN A 160 -9.21 12.99 -5.00
N GLY A 161 -9.82 13.59 -6.02
CA GLY A 161 -9.89 12.97 -7.33
C GLY A 161 -10.92 11.85 -7.38
N ASP A 162 -11.17 11.33 -8.57
CA ASP A 162 -12.15 10.26 -8.69
C ASP A 162 -11.72 8.99 -7.92
N SER A 163 -12.70 8.26 -7.37
CA SER A 163 -12.39 7.04 -6.64
C SER A 163 -11.65 6.02 -7.50
N ARG A 164 -11.93 5.98 -8.81
CA ARG A 164 -11.27 4.96 -9.60
C ARG A 164 -9.75 5.19 -9.66
N TYR A 165 -9.29 6.42 -9.41
CA TYR A 165 -7.87 6.68 -9.49
C TYR A 165 -7.11 5.84 -8.46
N PHE A 166 -7.62 5.74 -7.23
CA PHE A 166 -6.91 4.97 -6.20
C PHE A 166 -7.08 3.47 -6.35
N LEU A 167 -8.02 3.06 -7.18
CA LEU A 167 -8.18 1.63 -7.45
C LEU A 167 -7.11 1.06 -8.39
N TRP A 168 -6.43 1.90 -9.16
CA TRP A 168 -5.51 1.41 -10.19
C TRP A 168 -4.41 0.45 -9.68
N PRO A 169 -3.69 0.80 -8.59
CA PRO A 169 -2.63 -0.13 -8.18
C PRO A 169 -3.16 -1.47 -7.72
N LEU A 170 -4.35 -1.48 -7.14
CA LEU A 170 -4.96 -2.68 -6.58
C LEU A 170 -5.60 -3.53 -7.70
N GLN A 171 -6.50 -2.92 -8.46
CA GLN A 171 -7.22 -3.67 -9.48
C GLN A 171 -6.34 -4.07 -10.64
N HIS A 172 -5.57 -3.13 -11.13
CA HIS A 172 -4.75 -3.34 -12.31
C HIS A 172 -3.35 -3.84 -11.96
N GLY A 173 -2.64 -3.12 -11.14
CA GLY A 173 -1.24 -3.44 -10.85
C GLY A 173 -1.10 -4.75 -10.10
N THR A 174 -2.15 -5.14 -9.38
CA THR A 174 -2.09 -6.34 -8.57
C THR A 174 -3.01 -7.42 -9.12
N LEU A 175 -4.30 -7.21 -9.04
CA LEU A 175 -5.23 -8.29 -9.37
C LEU A 175 -5.21 -8.68 -10.85
N HIS A 176 -5.33 -7.72 -11.73
CA HIS A 176 -5.30 -8.02 -13.15
C HIS A 176 -3.91 -8.60 -13.48
N PHE A 177 -2.85 -8.07 -12.88
CA PHE A 177 -1.51 -8.56 -13.17
C PHE A 177 -1.43 -10.06 -12.93
N CYS A 178 -2.13 -10.52 -11.89
CA CYS A 178 -2.13 -11.95 -11.53
C CYS A 178 -3.16 -12.78 -12.32
N GLY A 179 -3.87 -12.15 -13.25
CA GLY A 179 -4.81 -12.86 -14.11
C GLY A 179 -6.25 -12.83 -13.62
N PHE A 180 -6.53 -12.21 -12.47
CA PHE A 180 -7.90 -12.11 -12.05
C PHE A 180 -8.70 -11.29 -13.05
N LYS A 181 -9.98 -11.66 -13.20
CA LYS A 181 -10.96 -10.73 -13.73
C LYS A 181 -11.52 -9.97 -12.53
N VAL A 182 -11.73 -8.67 -12.69
CA VAL A 182 -12.08 -7.82 -11.59
C VAL A 182 -13.54 -7.43 -11.70
N LEU A 183 -14.33 -7.76 -10.72
CA LEU A 183 -15.71 -7.25 -10.63
C LEU A 183 -15.72 -5.80 -10.16
N ALA A 184 -16.78 -5.06 -10.50
CA ALA A 184 -16.84 -3.67 -10.13
C ALA A 184 -16.71 -3.53 -8.61
N PRO A 185 -15.97 -2.51 -8.15
CA PRO A 185 -15.76 -2.35 -6.72
C PRO A 185 -17.04 -1.99 -5.98
N GLN A 186 -17.10 -2.39 -4.71
CA GLN A 186 -18.15 -1.94 -3.82
C GLN A 186 -17.53 -0.89 -2.93
N ILE A 187 -17.91 0.38 -3.10
CA ILE A 187 -17.36 1.43 -2.26
C ILE A 187 -18.47 1.98 -1.39
N SER A 188 -18.28 1.83 -0.08
CA SER A 188 -19.21 2.33 0.92
C SER A 188 -18.61 3.60 1.47
N PHE A 189 -19.11 4.72 0.98
CA PHE A 189 -18.52 6.01 1.30
C PHE A 189 -18.93 6.54 2.66
N ALA A 190 -17.93 6.92 3.42
CA ALA A 190 -18.13 7.75 4.61
C ALA A 190 -19.19 7.24 5.58
N PRO A 191 -19.08 5.97 6.00
CA PRO A 191 -20.08 5.49 6.96
C PRO A 191 -20.06 6.20 8.32
N GLU A 192 -18.90 6.74 8.71
CA GLU A 192 -18.76 7.36 10.01
C GLU A 192 -19.63 8.61 10.12
N ILE A 193 -19.91 9.24 8.99
CA ILE A 193 -20.73 10.45 9.01
C ILE A 193 -22.12 10.25 8.40
N ALA A 194 -22.37 9.10 7.80
CA ALA A 194 -23.69 8.75 7.29
C ALA A 194 -24.67 8.64 8.46
N SER A 195 -25.96 8.84 8.19
CA SER A 195 -26.98 8.58 9.19
C SER A 195 -27.16 7.08 9.41
N GLU A 196 -27.87 6.74 10.48
CA GLU A 196 -28.11 5.35 10.84
C GLU A 196 -28.81 4.65 9.68
N GLU A 197 -29.77 5.34 9.07
CA GLU A 197 -30.51 4.80 7.96
C GLU A 197 -29.64 4.67 6.72
N GLU A 198 -28.72 5.61 6.52
CA GLU A 198 -27.85 5.56 5.37
C GLU A 198 -26.88 4.39 5.52
N ARG A 199 -26.36 4.17 6.73
CA ARG A 199 -25.47 3.03 6.97
C ARG A 199 -26.21 1.71 6.72
N LYS A 200 -27.42 1.59 7.23
CA LYS A 200 -28.17 0.35 7.02
C LYS A 200 -28.43 0.14 5.54
N GLY A 201 -28.64 1.24 4.82
CA GLY A 201 -28.86 1.18 3.38
C GLY A 201 -27.62 0.68 2.64
N MET A 202 -26.44 1.10 3.10
CA MET A 202 -25.20 0.66 2.48
C MET A 202 -24.96 -0.83 2.73
N VAL A 203 -25.30 -1.32 3.92
CA VAL A 203 -25.12 -2.73 4.24
C VAL A 203 -26.10 -3.56 3.44
N ALA A 204 -27.32 -3.07 3.32
CA ALA A 204 -28.32 -3.78 2.55
C ALA A 204 -28.01 -3.76 1.05
N ALA A 205 -27.40 -2.69 0.56
CA ALA A 205 -27.03 -2.64 -0.86
C ALA A 205 -25.98 -3.72 -1.20
N TRP A 206 -25.06 -3.96 -0.29
CA TRP A 206 -24.04 -4.97 -0.51
C TRP A 206 -24.66 -6.36 -0.45
N SER A 207 -25.53 -6.58 0.54
CA SER A 207 -26.20 -7.87 0.65
C SER A 207 -27.02 -8.14 -0.60
N GLN A 208 -27.75 -7.12 -1.06
CA GLN A 208 -28.55 -7.27 -2.27
C GLN A 208 -27.67 -7.54 -3.50
N ARG A 209 -26.54 -6.85 -3.59
CA ARG A 209 -25.66 -7.08 -4.72
C ARG A 209 -25.14 -8.51 -4.74
N LEU A 210 -24.81 -9.03 -3.56
CA LEU A 210 -24.29 -10.37 -3.49
C LEU A 210 -25.29 -11.44 -3.94
N GLN A 211 -26.57 -11.14 -3.83
CA GLN A 211 -27.59 -12.10 -4.30
C GLN A 211 -27.39 -12.44 -5.77
N THR A 212 -26.90 -11.48 -6.56
CA THR A 212 -26.78 -11.70 -7.99
C THR A 212 -25.33 -11.60 -8.48
N ILE A 213 -24.38 -11.78 -7.58
CA ILE A 213 -22.98 -11.57 -7.92
C ILE A 213 -22.49 -12.52 -9.00
N TRP A 214 -23.10 -13.70 -9.10
CA TRP A 214 -22.62 -14.73 -10.03
C TRP A 214 -23.11 -14.44 -11.46
N LYS A 215 -23.98 -13.45 -11.60
CA LYS A 215 -24.43 -13.03 -12.92
C LYS A 215 -23.63 -11.86 -13.46
N GLU A 216 -22.77 -11.28 -12.63
CA GLU A 216 -22.02 -10.11 -13.06
C GLU A 216 -20.89 -10.48 -14.00
N GLU A 217 -20.56 -9.54 -14.87
CA GLU A 217 -19.36 -9.63 -15.67
C GLU A 217 -18.30 -8.67 -15.11
N PRO A 218 -17.03 -8.97 -15.41
CA PRO A 218 -15.94 -8.12 -14.91
C PRO A 218 -15.90 -6.78 -15.61
N ILE A 219 -15.23 -5.83 -15.01
CA ILE A 219 -14.98 -4.56 -15.68
C ILE A 219 -13.87 -4.73 -16.70
N PRO A 220 -13.77 -3.80 -17.65
CA PRO A 220 -12.58 -3.73 -18.48
C PRO A 220 -11.51 -3.03 -17.68
N CYS A 221 -10.57 -3.79 -17.16
CA CYS A 221 -9.60 -3.25 -16.23
C CYS A 221 -8.46 -2.61 -16.99
N THR A 222 -8.76 -1.44 -17.54
CA THR A 222 -7.82 -0.71 -18.37
C THR A 222 -7.57 0.69 -17.85
N ALA A 223 -6.56 1.36 -18.38
CA ALA A 223 -6.34 2.75 -18.05
C ALA A 223 -7.58 3.59 -18.40
N HIS A 224 -8.26 3.31 -19.52
CA HIS A 224 -9.41 4.11 -19.87
C HIS A 224 -10.51 3.98 -18.80
N TRP A 225 -10.78 2.77 -18.32
CA TRP A 225 -11.81 2.63 -17.30
C TRP A 225 -11.45 3.42 -16.05
N HIS A 226 -10.17 3.39 -15.66
CA HIS A 226 -9.77 4.08 -14.43
C HIS A 226 -9.66 5.61 -14.54
N PHE A 227 -9.24 6.10 -15.70
CA PHE A 227 -8.83 7.51 -15.85
C PHE A 227 -9.61 8.29 -16.88
N GLY A 228 -10.24 7.60 -17.82
CA GLY A 228 -11.08 8.25 -18.83
C GLY A 228 -10.44 9.39 -19.59
N GLY B 1 21.34 25.14 7.63
CA GLY B 1 21.51 23.81 8.18
C GLY B 1 20.28 22.91 8.08
N LYS B 2 20.20 22.14 7.00
CA LYS B 2 19.00 21.36 6.76
C LYS B 2 19.05 20.00 7.39
N LYS B 3 17.88 19.48 7.73
CA LYS B 3 17.74 18.17 8.30
C LYS B 3 16.94 17.26 7.36
N VAL B 4 17.46 16.06 7.16
CA VAL B 4 16.86 15.08 6.26
C VAL B 4 16.62 13.78 7.00
N LEU B 5 15.44 13.22 6.79
CA LEU B 5 15.11 11.87 7.21
C LEU B 5 14.96 10.99 5.98
N ILE B 6 15.66 9.87 5.95
CA ILE B 6 15.51 8.86 4.89
C ILE B 6 14.75 7.69 5.50
N VAL B 7 13.55 7.40 5.00
CA VAL B 7 12.81 6.21 5.40
C VAL B 7 13.06 5.15 4.33
N TYR B 8 13.77 4.11 4.75
CA TYR B 8 14.36 3.16 3.85
C TYR B 8 13.75 1.77 4.06
N ALA B 9 13.29 1.16 2.98
CA ALA B 9 12.60 -0.13 3.05
C ALA B 9 13.16 -1.18 2.07
N HIS B 10 14.30 -1.71 2.43
CA HIS B 10 14.86 -2.84 1.69
C HIS B 10 15.58 -3.74 2.65
N GLN B 11 15.45 -5.04 2.41
CA GLN B 11 16.02 -6.05 3.27
C GLN B 11 17.55 -6.22 3.18
N GLU B 12 18.12 -5.77 2.08
CA GLU B 12 19.52 -6.09 1.71
C GLU B 12 20.37 -4.83 1.51
N PRO B 13 21.39 -4.69 2.34
CA PRO B 13 22.24 -3.50 2.27
C PRO B 13 23.01 -3.34 0.95
N LYS B 14 23.28 -4.47 0.30
CA LYS B 14 24.01 -4.48 -0.97
C LYS B 14 23.11 -4.28 -2.20
N SER B 15 21.80 -4.09 -1.96
CA SER B 15 20.88 -3.88 -3.08
C SER B 15 21.07 -2.55 -3.77
N PHE B 16 20.46 -2.40 -4.93
CA PHE B 16 20.42 -1.12 -5.62
C PHE B 16 19.77 -0.09 -4.68
N ASN B 17 18.71 -0.47 -3.96
CA ASN B 17 18.09 0.45 -3.00
C ASN B 17 19.07 0.85 -1.93
N GLY B 18 19.76 -0.13 -1.35
CA GLY B 18 20.78 0.13 -0.35
C GLY B 18 21.83 1.11 -0.89
N SER B 19 22.24 0.94 -2.13
CA SER B 19 23.23 1.85 -2.70
C SER B 19 22.67 3.25 -2.87
N LEU B 20 21.41 3.39 -3.31
CA LEU B 20 20.81 4.70 -3.44
C LEU B 20 20.70 5.35 -2.04
N LYS B 21 20.36 4.57 -1.02
CA LYS B 21 20.32 5.11 0.33
C LYS B 21 21.68 5.57 0.79
N ASN B 22 22.71 4.77 0.56
CA ASN B 22 24.04 5.15 1.01
C ASN B 22 24.57 6.39 0.26
N VAL B 23 24.26 6.52 -1.03
CA VAL B 23 24.67 7.71 -1.79
C VAL B 23 24.01 8.94 -1.25
N ALA B 24 22.76 8.82 -0.83
CA ALA B 24 22.04 9.92 -0.26
C ALA B 24 22.67 10.31 1.07
N VAL B 25 22.92 9.33 1.95
CA VAL B 25 23.58 9.62 3.21
C VAL B 25 24.91 10.30 2.93
N ASP B 26 25.73 9.75 2.03
CA ASP B 26 27.10 10.27 1.82
C ASP B 26 27.02 11.71 1.30
N GLU B 27 26.14 11.94 0.34
CA GLU B 27 26.11 13.24 -0.33
C GLU B 27 25.50 14.32 0.56
N LEU B 28 24.40 13.99 1.22
CA LEU B 28 23.78 14.96 2.12
C LEU B 28 24.70 15.21 3.32
N SER B 29 25.41 14.20 3.81
CA SER B 29 26.35 14.36 4.92
C SER B 29 27.48 15.27 4.46
N ARG B 30 28.00 15.04 3.24
CA ARG B 30 29.06 15.88 2.70
C ARG B 30 28.66 17.35 2.62
N GLN B 31 27.41 17.65 2.28
CA GLN B 31 26.90 19.01 2.20
C GLN B 31 26.78 19.67 3.57
N GLY B 32 26.85 18.88 4.62
CA GLY B 32 26.73 19.40 5.98
C GLY B 32 25.32 19.29 6.54
N CYS B 33 24.44 18.59 5.83
CA CYS B 33 23.11 18.35 6.33
C CYS B 33 23.13 17.39 7.50
N THR B 34 22.10 17.51 8.34
CA THR B 34 21.86 16.57 9.43
C THR B 34 21.05 15.43 8.84
N VAL B 35 21.51 14.20 8.98
CA VAL B 35 20.87 13.07 8.31
C VAL B 35 20.52 11.98 9.31
N THR B 36 19.30 11.46 9.19
CA THR B 36 18.83 10.33 9.98
C THR B 36 18.20 9.33 9.03
N VAL B 37 18.40 8.03 9.28
CA VAL B 37 17.82 6.96 8.45
C VAL B 37 16.97 6.08 9.34
N SER B 38 15.73 5.86 8.92
CA SER B 38 14.89 4.82 9.52
C SER B 38 14.93 3.60 8.62
N ASP B 39 15.74 2.63 9.02
CA ASP B 39 15.94 1.38 8.24
C ASP B 39 14.92 0.39 8.74
N LEU B 40 13.78 0.39 8.08
CA LEU B 40 12.61 -0.27 8.64
C LEU B 40 12.80 -1.75 8.86
N TYR B 41 13.40 -2.47 7.93
CA TYR B 41 13.57 -3.90 8.16
C TYR B 41 14.55 -4.17 9.28
N ALA B 42 15.61 -3.37 9.37
CA ALA B 42 16.60 -3.58 10.46
C ALA B 42 16.01 -3.28 11.83
N MET B 43 15.06 -2.34 11.87
CA MET B 43 14.32 -1.98 13.09
C MET B 43 13.20 -3.00 13.40
N ASN B 44 12.96 -3.93 12.46
CA ASN B 44 11.80 -4.84 12.50
C ASN B 44 10.53 -4.03 12.79
N PHE B 45 10.40 -2.92 12.06
CA PHE B 45 9.31 -2.00 12.26
C PHE B 45 7.95 -2.69 12.15
N GLU B 46 7.08 -2.43 13.10
CA GLU B 46 5.75 -3.02 13.13
C GLU B 46 4.85 -2.36 12.10
N PRO B 47 4.32 -3.13 11.15
CA PRO B 47 3.44 -2.52 10.15
C PRO B 47 1.97 -2.51 10.50
N ARG B 48 1.55 -3.34 11.45
CA ARG B 48 0.13 -3.49 11.72
C ARG B 48 -0.43 -2.37 12.59
N ALA B 49 -1.58 -1.84 12.19
CA ALA B 49 -2.29 -0.81 12.98
C ALA B 49 -3.16 -1.52 13.99
N THR B 50 -2.73 -1.57 15.26
CA THR B 50 -3.45 -2.34 16.26
C THR B 50 -3.56 -1.56 17.57
N ASP B 51 -4.34 -2.10 18.51
CA ASP B 51 -4.49 -1.47 19.82
C ASP B 51 -3.21 -1.43 20.64
N LYS B 52 -2.15 -2.10 20.21
CA LYS B 52 -0.87 -2.00 20.90
C LYS B 52 -0.19 -0.65 20.64
N ASP B 53 -0.73 0.11 19.69
CA ASP B 53 -0.17 1.42 19.35
C ASP B 53 -0.54 2.50 20.36
N ILE B 54 -1.48 2.18 21.29
CA ILE B 54 -1.89 3.10 22.33
C ILE B 54 -1.49 2.47 23.66
N THR B 55 -0.80 3.24 24.49
CA THR B 55 -0.33 2.72 25.77
C THR B 55 -1.23 3.11 26.93
N GLY B 56 -2.12 4.07 26.71
CA GLY B 56 -2.97 4.55 27.79
C GLY B 56 -4.32 3.85 27.87
N THR B 57 -5.22 4.43 28.65
CA THR B 57 -6.59 3.95 28.71
C THR B 57 -7.27 4.28 27.40
N LEU B 58 -7.97 3.31 26.82
CA LEU B 58 -8.67 3.56 25.59
C LEU B 58 -9.87 4.46 25.79
N SER B 59 -10.07 5.38 24.85
CA SER B 59 -11.17 6.31 24.93
C SER B 59 -12.50 5.55 24.80
N ASN B 60 -12.46 4.39 24.14
CA ASN B 60 -13.65 3.53 24.05
C ASN B 60 -13.27 2.06 24.05
N PRO B 61 -13.16 1.46 25.24
CA PRO B 61 -12.70 0.07 25.39
C PRO B 61 -13.65 -0.97 24.82
N GLU B 62 -14.89 -0.58 24.51
CA GLU B 62 -15.88 -1.53 24.03
C GLU B 62 -15.80 -1.73 22.53
N VAL B 63 -15.41 -0.68 21.82
CA VAL B 63 -15.36 -0.74 20.38
C VAL B 63 -14.08 -0.04 19.94
N PHE B 64 -13.19 -0.76 19.25
CA PHE B 64 -11.88 -0.19 18.91
C PHE B 64 -11.87 0.48 17.56
N ASN B 65 -11.61 1.78 17.57
CA ASN B 65 -11.56 2.58 16.35
C ASN B 65 -10.16 3.15 16.27
N TYR B 66 -9.34 2.60 15.37
CA TYR B 66 -7.93 2.94 15.31
C TYR B 66 -7.73 4.45 15.13
N GLY B 67 -8.43 5.06 14.20
CA GLY B 67 -8.26 6.49 13.97
C GLY B 67 -8.61 7.33 15.18
N VAL B 68 -9.75 7.06 15.82
CA VAL B 68 -10.11 7.84 17.00
C VAL B 68 -9.08 7.67 18.11
N GLU B 69 -8.71 6.42 18.39
CA GLU B 69 -7.85 6.12 19.52
C GLU B 69 -6.47 6.73 19.30
N THR B 70 -5.92 6.67 18.08
CA THR B 70 -4.59 7.22 17.85
C THR B 70 -4.63 8.74 17.86
N HIS B 71 -5.69 9.34 17.34
CA HIS B 71 -5.82 10.78 17.43
C HIS B 71 -5.78 11.22 18.91
N GLU B 72 -6.58 10.56 19.74
CA GLU B 72 -6.62 10.91 21.16
C GLU B 72 -5.30 10.61 21.83
N ALA B 73 -4.62 9.53 21.45
CA ALA B 73 -3.33 9.19 22.05
C ALA B 73 -2.28 10.18 21.66
N TYR B 74 -2.34 10.69 20.45
CA TYR B 74 -1.37 11.68 20.05
C TYR B 74 -1.48 12.90 20.97
N LYS B 75 -2.71 13.32 21.21
CA LYS B 75 -2.95 14.53 22.00
C LYS B 75 -2.55 14.32 23.46
N GLN B 76 -2.67 13.10 23.94
CA GLN B 76 -2.35 12.79 25.34
C GLN B 76 -0.98 12.18 25.53
N ARG B 77 -0.18 12.22 24.46
CA ARG B 77 1.17 11.72 24.49
C ARG B 77 1.25 10.24 24.94
N SER B 78 0.29 9.43 24.52
CA SER B 78 0.28 8.02 24.89
C SER B 78 0.34 7.05 23.70
N LEU B 79 0.95 7.46 22.59
CA LEU B 79 1.25 6.54 21.49
C LEU B 79 2.45 5.70 21.85
N ALA B 80 2.53 4.52 21.23
CA ALA B 80 3.67 3.64 21.43
C ALA B 80 4.96 4.33 21.04
N SER B 81 6.04 4.00 21.73
CA SER B 81 7.29 4.71 21.55
C SER B 81 7.87 4.55 20.14
N ASP B 82 7.63 3.43 19.47
CA ASP B 82 8.13 3.30 18.09
C ASP B 82 7.52 4.37 17.17
N ILE B 83 6.22 4.63 17.32
CA ILE B 83 5.54 5.66 16.58
C ILE B 83 6.05 7.06 16.98
N THR B 84 6.14 7.35 18.28
CA THR B 84 6.56 8.69 18.68
C THR B 84 8.00 8.97 18.29
N ASP B 85 8.84 7.92 18.28
CA ASP B 85 10.22 8.09 17.82
C ASP B 85 10.25 8.52 16.34
N GLU B 86 9.41 7.91 15.50
CA GLU B 86 9.35 8.30 14.10
C GLU B 86 8.80 9.72 13.94
N GLN B 87 7.77 10.05 14.71
CA GLN B 87 7.17 11.38 14.63
C GLN B 87 8.19 12.44 14.97
N LYS B 88 9.04 12.19 15.96
CA LYS B 88 10.11 13.14 16.28
C LYS B 88 11.03 13.36 15.09
N LYS B 89 11.42 12.28 14.43
CA LYS B 89 12.29 12.41 13.27
C LYS B 89 11.64 13.23 12.15
N VAL B 90 10.36 12.99 11.88
CA VAL B 90 9.65 13.73 10.86
C VAL B 90 9.48 15.22 11.25
N ARG B 91 9.15 15.43 12.51
CA ARG B 91 8.91 16.78 13.07
C ARG B 91 10.16 17.64 12.85
N GLU B 92 11.33 17.03 13.04
CA GLU B 92 12.60 17.74 12.93
C GLU B 92 13.07 17.95 11.48
N ALA B 93 12.60 17.11 10.57
CA ALA B 93 13.14 17.06 9.22
C ALA B 93 12.59 18.20 8.33
N ASP B 94 13.47 18.71 7.46
CA ASP B 94 13.08 19.62 6.37
C ASP B 94 12.70 18.88 5.11
N LEU B 95 13.28 17.69 4.95
CA LEU B 95 13.07 16.83 3.80
C LEU B 95 12.95 15.40 4.27
N VAL B 96 11.94 14.68 3.75
CA VAL B 96 11.82 13.26 4.00
C VAL B 96 11.92 12.54 2.67
N ILE B 97 12.94 11.69 2.51
CA ILE B 97 13.14 10.87 1.35
C ILE B 97 12.68 9.46 1.70
N PHE B 98 11.84 8.88 0.84
CA PHE B 98 11.42 7.48 0.98
C PHE B 98 12.16 6.70 -0.08
N GLN B 99 12.91 5.69 0.32
CA GLN B 99 13.71 4.88 -0.59
C GLN B 99 13.21 3.46 -0.54
N PHE B 100 12.63 3.00 -1.65
CA PHE B 100 12.00 1.67 -1.66
C PHE B 100 11.89 1.08 -3.03
N PRO B 101 11.85 -0.24 -3.09
CA PRO B 101 11.43 -0.89 -4.33
C PRO B 101 9.92 -0.90 -4.45
N LEU B 102 9.42 -0.74 -5.68
CA LEU B 102 8.00 -0.80 -5.93
C LEU B 102 7.50 -2.22 -5.71
N TYR B 103 6.50 -2.37 -4.85
CA TYR B 103 5.82 -3.66 -4.61
C TYR B 103 4.33 -3.44 -4.92
N TRP B 104 3.87 -4.14 -5.94
CA TRP B 104 2.48 -4.09 -6.33
C TRP B 104 2.00 -2.65 -6.53
N PHE B 105 2.77 -1.90 -7.32
CA PHE B 105 2.44 -0.51 -7.71
C PHE B 105 2.33 0.38 -6.50
N SER B 106 3.04 0.04 -5.43
CA SER B 106 2.97 0.77 -4.18
C SER B 106 4.24 0.55 -3.35
N VAL B 107 4.15 0.93 -2.08
CA VAL B 107 5.28 0.74 -1.16
C VAL B 107 5.22 -0.67 -0.58
N PRO B 108 6.36 -1.26 -0.24
CA PRO B 108 6.35 -2.50 0.54
C PRO B 108 5.51 -2.34 1.79
N ALA B 109 4.89 -3.42 2.25
CA ALA B 109 4.00 -3.35 3.40
C ALA B 109 4.65 -2.74 4.63
N ILE B 110 5.92 -3.00 4.88
CA ILE B 110 6.56 -2.42 6.08
C ILE B 110 6.53 -0.90 6.04
N LEU B 111 6.72 -0.32 4.87
CA LEU B 111 6.67 1.13 4.65
C LEU B 111 5.21 1.62 4.66
N LYS B 112 4.30 0.84 4.07
CA LYS B 112 2.89 1.21 4.20
C LYS B 112 2.50 1.32 5.65
N GLY B 113 3.02 0.43 6.48
CA GLY B 113 2.73 0.46 7.90
C GLY B 113 3.30 1.70 8.61
N TRP B 114 4.47 2.15 8.16
CA TRP B 114 5.04 3.39 8.68
C TRP B 114 4.07 4.51 8.34
N MET B 115 3.58 4.57 7.11
CA MET B 115 2.62 5.62 6.75
C MET B 115 1.37 5.53 7.63
N ASP B 116 0.80 4.33 7.74
CA ASP B 116 -0.44 4.12 8.47
C ASP B 116 -0.32 4.52 9.94
N ARG B 117 0.78 4.17 10.57
CA ARG B 117 0.93 4.33 12.00
C ARG B 117 1.58 5.66 12.41
N VAL B 118 2.49 6.18 11.59
CA VAL B 118 3.18 7.42 11.96
C VAL B 118 2.38 8.68 11.65
N LEU B 119 1.68 8.68 10.53
CA LEU B 119 1.00 9.87 10.05
C LEU B 119 -0.43 9.95 10.61
N CYS B 120 -0.54 10.07 11.93
CA CYS B 120 -1.85 10.06 12.54
C CYS B 120 -2.49 11.44 12.59
N GLN B 121 -3.81 11.47 12.78
CA GLN B 121 -4.51 12.75 12.89
C GLN B 121 -3.97 13.47 14.10
N GLY B 122 -3.82 14.78 13.99
CA GLY B 122 -3.22 15.59 15.05
C GLY B 122 -1.75 15.85 14.81
N PHE B 123 -1.07 14.88 14.20
CA PHE B 123 0.34 15.02 13.87
C PHE B 123 0.55 15.47 12.44
N ALA B 124 0.00 14.72 11.49
CA ALA B 124 0.24 14.96 10.07
C ALA B 124 -0.90 15.73 9.42
N PHE B 125 -2.10 15.64 9.96
CA PHE B 125 -3.25 16.33 9.36
C PHE B 125 -4.32 16.45 10.41
N ASP B 126 -5.28 17.34 10.15
CA ASP B 126 -6.43 17.48 11.03
C ASP B 126 -7.54 18.16 10.21
N ILE B 127 -8.65 18.42 10.88
CA ILE B 127 -9.67 19.32 10.33
C ILE B 127 -9.29 20.67 10.95
N PRO B 128 -8.85 21.64 10.12
CA PRO B 128 -8.91 21.73 8.65
C PRO B 128 -7.57 21.62 7.92
N GLY B 129 -6.52 21.25 8.64
CA GLY B 129 -5.17 21.18 8.08
C GLY B 129 -4.94 19.94 7.23
N PHE B 130 -5.19 20.06 5.95
CA PHE B 130 -4.89 18.98 5.01
C PHE B 130 -4.67 19.55 3.61
N TYR B 131 -4.13 18.70 2.74
CA TYR B 131 -3.57 19.16 1.47
C TYR B 131 -2.66 20.39 1.70
N ASP B 132 -2.90 21.54 1.08
CA ASP B 132 -1.93 22.64 1.21
C ASP B 132 -1.73 23.09 2.66
N SER B 133 -2.77 22.90 3.46
CA SER B 133 -2.79 23.34 4.85
C SER B 133 -2.42 22.18 5.79
N GLY B 134 -1.97 21.05 5.25
CA GLY B 134 -1.57 19.89 6.05
C GLY B 134 -0.58 20.27 7.13
N LEU B 135 -0.52 19.47 8.20
CA LEU B 135 0.27 19.89 9.37
C LEU B 135 1.75 19.79 9.18
N LEU B 136 2.19 19.08 8.14
CA LEU B 136 3.60 18.98 7.84
C LEU B 136 3.99 20.00 6.76
N GLN B 137 3.14 21.00 6.56
CA GLN B 137 3.46 22.12 5.68
C GLN B 137 4.80 22.74 6.03
N GLY B 138 5.51 23.16 5.01
CA GLY B 138 6.85 23.67 5.17
C GLY B 138 7.90 22.60 4.86
N LYS B 139 7.48 21.34 4.88
CA LYS B 139 8.43 20.25 4.66
C LYS B 139 8.35 19.75 3.23
N LEU B 140 9.44 19.15 2.77
CA LEU B 140 9.54 18.55 1.46
C LEU B 140 9.54 17.03 1.57
N ALA B 141 9.02 16.36 0.56
CA ALA B 141 9.05 14.91 0.54
C ALA B 141 9.41 14.50 -0.87
N LEU B 142 10.07 13.35 -0.97
CA LEU B 142 10.58 12.86 -2.22
C LEU B 142 10.52 11.34 -2.23
N LEU B 143 9.92 10.76 -3.26
CA LEU B 143 9.89 9.31 -3.42
C LEU B 143 11.01 8.87 -4.33
N SER B 144 11.90 7.99 -3.86
CA SER B 144 12.95 7.43 -4.68
C SER B 144 12.62 5.95 -4.78
N VAL B 145 12.17 5.54 -5.95
CA VAL B 145 11.58 4.24 -6.16
C VAL B 145 12.34 3.53 -7.23
N THR B 146 12.54 2.23 -7.06
CA THR B 146 13.09 1.35 -8.08
C THR B 146 12.00 0.41 -8.56
N THR B 147 12.08 -0.01 -9.81
CA THR B 147 11.08 -0.89 -10.37
C THR B 147 11.65 -2.16 -10.98
N GLY B 148 10.79 -3.17 -11.12
CA GLY B 148 11.10 -4.30 -11.97
C GLY B 148 10.84 -3.99 -13.43
N GLY B 149 9.74 -3.28 -13.70
CA GLY B 149 9.36 -2.94 -15.07
C GLY B 149 10.19 -1.84 -15.70
N THR B 150 10.26 -1.84 -17.05
CA THR B 150 11.07 -0.88 -17.76
C THR B 150 10.32 0.42 -17.94
N ALA B 151 11.05 1.47 -18.30
CA ALA B 151 10.42 2.77 -18.55
C ALA B 151 9.35 2.63 -19.62
N GLU B 152 9.64 1.85 -20.67
CA GLU B 152 8.68 1.66 -21.75
C GLU B 152 7.36 1.00 -21.29
N MET B 153 7.42 0.12 -20.29
CA MET B 153 6.22 -0.52 -19.77
C MET B 153 5.38 0.50 -19.02
N TYR B 154 6.08 1.47 -18.45
CA TYR B 154 5.41 2.50 -17.69
C TYR B 154 5.15 3.75 -18.54
N THR B 155 4.51 3.53 -19.67
CA THR B 155 4.00 4.64 -20.49
C THR B 155 2.47 4.62 -20.54
N LYS B 156 1.91 5.76 -20.93
CA LYS B 156 0.46 5.95 -21.00
C LYS B 156 -0.24 4.75 -21.63
N THR B 157 0.35 4.25 -22.71
CA THR B 157 -0.29 3.18 -23.47
C THR B 157 0.42 1.86 -23.32
N GLY B 158 1.40 1.82 -22.42
CA GLY B 158 2.13 0.60 -22.10
C GLY B 158 1.32 -0.26 -21.15
N VAL B 159 1.78 -1.48 -20.92
CA VAL B 159 0.96 -2.41 -20.13
C VAL B 159 0.69 -1.96 -18.70
N ASN B 160 1.61 -1.20 -18.12
CA ASN B 160 1.50 -0.77 -16.74
C ASN B 160 0.91 0.62 -16.57
N GLY B 161 0.70 1.35 -17.68
CA GLY B 161 0.29 2.71 -17.54
C GLY B 161 1.47 3.60 -17.22
N ASP B 162 1.23 4.90 -17.16
CA ASP B 162 2.26 5.85 -16.81
C ASP B 162 2.67 5.70 -15.35
N SER B 163 3.94 5.89 -15.03
CA SER B 163 4.37 5.76 -13.64
C SER B 163 3.64 6.77 -12.76
N ARG B 164 3.27 7.91 -13.35
CA ARG B 164 2.56 8.92 -12.58
C ARG B 164 1.24 8.35 -12.00
N TYR B 165 0.68 7.35 -12.68
CA TYR B 165 -0.58 6.79 -12.23
C TYR B 165 -0.44 6.10 -10.88
N PHE B 166 0.65 5.37 -10.66
CA PHE B 166 0.80 4.71 -9.36
C PHE B 166 1.29 5.64 -8.28
N LEU B 167 1.84 6.78 -8.67
CA LEU B 167 2.32 7.73 -7.68
C LEU B 167 1.19 8.44 -6.94
N TRP B 168 -0.02 8.49 -7.53
CA TRP B 168 -1.11 9.28 -7.00
C TRP B 168 -1.42 8.97 -5.53
N PRO B 169 -1.60 7.70 -5.15
CA PRO B 169 -1.94 7.44 -3.75
C PRO B 169 -0.85 7.89 -2.78
N LEU B 170 0.40 7.78 -3.21
CA LEU B 170 1.53 8.11 -2.37
C LEU B 170 1.79 9.62 -2.36
N GLN B 171 1.94 10.20 -3.53
CA GLN B 171 2.25 11.62 -3.62
C GLN B 171 1.10 12.48 -3.22
N HIS B 172 -0.08 12.21 -3.75
CA HIS B 172 -1.23 13.06 -3.49
C HIS B 172 -2.03 12.62 -2.26
N GLY B 173 -2.45 11.35 -2.24
CA GLY B 173 -3.30 10.85 -1.18
C GLY B 173 -2.62 10.82 0.16
N THR B 174 -1.29 10.73 0.17
CA THR B 174 -0.55 10.65 1.43
C THR B 174 0.29 11.89 1.67
N LEU B 175 1.29 12.14 0.84
CA LEU B 175 2.26 13.22 1.17
C LEU B 175 1.63 14.61 1.07
N HIS B 176 0.98 14.88 -0.05
CA HIS B 176 0.31 16.18 -0.21
C HIS B 176 -0.77 16.35 0.84
N PHE B 177 -1.56 15.31 1.08
CA PHE B 177 -2.60 15.39 2.09
C PHE B 177 -2.08 15.89 3.44
N CYS B 178 -0.88 15.43 3.82
CA CYS B 178 -0.27 15.82 5.09
C CYS B 178 0.45 17.16 4.97
N GLY B 179 0.45 17.78 3.80
CA GLY B 179 0.94 19.15 3.72
C GLY B 179 2.35 19.24 3.17
N PHE B 180 2.97 18.10 2.88
CA PHE B 180 4.27 18.13 2.24
C PHE B 180 4.14 18.79 0.88
N LYS B 181 5.19 19.50 0.50
CA LYS B 181 5.43 19.83 -0.89
C LYS B 181 6.22 18.69 -1.45
N VAL B 182 5.81 18.20 -2.61
CA VAL B 182 6.38 17.01 -3.18
C VAL B 182 7.39 17.33 -4.25
N LEU B 183 8.63 16.94 -4.04
CA LEU B 183 9.65 17.08 -5.07
C LEU B 183 9.43 15.99 -6.11
N ALA B 184 9.91 16.21 -7.32
CA ALA B 184 9.69 15.24 -8.39
C ALA B 184 10.26 13.90 -7.97
N PRO B 185 9.55 12.82 -8.30
CA PRO B 185 10.05 11.53 -7.87
C PRO B 185 11.34 11.16 -8.56
N GLN B 186 12.15 10.37 -7.90
CA GLN B 186 13.32 9.76 -8.51
C GLN B 186 12.93 8.34 -8.86
N ILE B 187 12.77 8.03 -10.14
CA ILE B 187 12.38 6.68 -10.52
C ILE B 187 13.55 6.05 -11.25
N SER B 188 14.07 5.00 -10.64
CA SER B 188 15.18 4.24 -11.17
C SER B 188 14.59 2.96 -11.77
N PHE B 189 14.40 2.98 -13.08
CA PHE B 189 13.69 1.89 -13.73
C PHE B 189 14.55 0.67 -13.93
N ALA B 190 14.02 -0.47 -13.52
CA ALA B 190 14.54 -1.77 -13.91
C ALA B 190 16.03 -1.91 -13.75
N PRO B 191 16.56 -1.67 -12.56
CA PRO B 191 18.00 -1.86 -12.36
C PRO B 191 18.44 -3.31 -12.53
N GLU B 192 17.57 -4.29 -12.25
CA GLU B 192 17.98 -5.71 -12.32
C GLU B 192 18.34 -6.14 -13.75
N ILE B 193 17.74 -5.51 -14.76
CA ILE B 193 18.02 -5.86 -16.14
C ILE B 193 18.95 -4.86 -16.82
N ALA B 194 19.08 -3.66 -16.25
CA ALA B 194 19.99 -2.64 -16.77
C ALA B 194 21.42 -3.16 -16.77
N SER B 195 22.22 -2.64 -17.71
CA SER B 195 23.63 -2.94 -17.77
C SER B 195 24.36 -2.29 -16.61
N GLU B 196 25.60 -2.74 -16.39
CA GLU B 196 26.41 -2.19 -15.32
C GLU B 196 26.50 -0.67 -15.47
N GLU B 197 26.71 -0.23 -16.71
CA GLU B 197 26.93 1.18 -16.96
C GLU B 197 25.64 1.97 -16.83
N GLU B 198 24.51 1.35 -17.17
CA GLU B 198 23.23 2.02 -16.95
C GLU B 198 22.96 2.17 -15.46
N ARG B 199 23.30 1.16 -14.66
CA ARG B 199 23.07 1.21 -13.22
C ARG B 199 23.91 2.35 -12.67
N LYS B 200 25.15 2.41 -13.08
CA LYS B 200 26.02 3.44 -12.56
C LYS B 200 25.49 4.80 -12.96
N GLY B 201 24.95 4.92 -14.16
CA GLY B 201 24.34 6.17 -14.58
C GLY B 201 23.17 6.54 -13.70
N MET B 202 22.36 5.57 -13.27
CA MET B 202 21.18 5.90 -12.48
C MET B 202 21.58 6.32 -11.07
N VAL B 203 22.56 5.65 -10.48
CA VAL B 203 23.08 6.09 -9.19
C VAL B 203 23.70 7.49 -9.29
N ALA B 204 24.42 7.78 -10.37
CA ALA B 204 25.13 9.03 -10.44
C ALA B 204 24.11 10.13 -10.67
N ALA B 205 23.02 9.81 -11.35
CA ALA B 205 21.99 10.82 -11.61
C ALA B 205 21.42 11.22 -10.24
N TRP B 206 21.21 10.23 -9.39
CA TRP B 206 20.69 10.45 -8.04
C TRP B 206 21.68 11.24 -7.21
N SER B 207 22.96 10.83 -7.20
CA SER B 207 23.98 11.57 -6.45
C SER B 207 24.06 13.03 -6.92
N GLN B 208 24.07 13.22 -8.22
CA GLN B 208 24.13 14.57 -8.79
C GLN B 208 22.87 15.34 -8.48
N ARG B 209 21.72 14.68 -8.56
CA ARG B 209 20.49 15.38 -8.26
C ARG B 209 20.59 15.90 -6.84
N LEU B 210 21.09 15.07 -5.93
CA LEU B 210 21.16 15.46 -4.51
C LEU B 210 22.06 16.66 -4.29
N GLN B 211 23.01 16.90 -5.17
CA GLN B 211 23.85 18.10 -5.08
C GLN B 211 23.05 19.40 -5.13
N THR B 212 21.94 19.43 -5.86
CA THR B 212 21.16 20.65 -6.00
C THR B 212 19.72 20.50 -5.50
N ILE B 213 19.47 19.55 -4.62
CA ILE B 213 18.11 19.26 -4.18
C ILE B 213 17.43 20.48 -3.53
N TRP B 214 18.21 21.31 -2.84
CA TRP B 214 17.64 22.48 -2.17
C TRP B 214 17.28 23.62 -3.13
N LYS B 215 17.61 23.47 -4.42
CA LYS B 215 17.24 24.47 -5.42
C LYS B 215 15.97 24.08 -6.18
N GLU B 216 15.45 22.89 -5.91
CA GLU B 216 14.29 22.42 -6.63
C GLU B 216 13.02 23.06 -6.13
N GLU B 217 12.08 23.24 -7.04
CA GLU B 217 10.72 23.57 -6.69
C GLU B 217 9.90 22.28 -6.69
N PRO B 218 8.87 22.24 -5.84
CA PRO B 218 7.95 21.09 -5.81
C PRO B 218 7.13 20.96 -7.09
N ILE B 219 6.64 19.77 -7.38
CA ILE B 219 5.69 19.60 -8.48
C ILE B 219 4.36 20.20 -8.06
N PRO B 220 3.52 20.54 -9.04
CA PRO B 220 2.12 20.82 -8.71
C PRO B 220 1.45 19.48 -8.51
N CYS B 221 1.15 19.13 -7.27
CA CYS B 221 0.67 17.79 -6.98
C CYS B 221 -0.83 17.75 -7.20
N THR B 222 -1.21 17.71 -8.46
CA THR B 222 -2.62 17.77 -8.84
C THR B 222 -2.98 16.58 -9.68
N ALA B 223 -4.28 16.35 -9.87
CA ALA B 223 -4.75 15.29 -10.74
C ALA B 223 -4.22 15.48 -12.16
N HIS B 224 -4.13 16.75 -12.57
CA HIS B 224 -3.64 17.07 -13.89
C HIS B 224 -2.18 16.61 -14.07
N TRP B 225 -1.34 16.87 -13.07
CA TRP B 225 0.06 16.45 -13.15
C TRP B 225 0.12 14.94 -13.30
N HIS B 226 -0.70 14.22 -12.54
CA HIS B 226 -0.63 12.75 -12.54
C HIS B 226 -1.28 12.06 -13.74
N PHE B 227 -2.39 12.60 -14.24
CA PHE B 227 -3.20 11.86 -15.19
C PHE B 227 -3.32 12.56 -16.52
N GLY B 228 -3.06 13.86 -16.53
CA GLY B 228 -3.23 14.68 -17.72
C GLY B 228 -1.95 14.78 -18.54
ZN ZN C . -6.28 -3.92 -15.54
PA FAD D . -16.84 2.35 11.69
O1A FAD D . -16.67 1.02 12.35
O2A FAD D . -16.38 3.53 12.51
O5B FAD D . -18.37 2.48 11.41
C5B FAD D . -19.02 3.71 11.34
C4B FAD D . -20.35 3.53 12.06
O4B FAD D . -21.17 2.54 11.44
C3B FAD D . -20.16 3.10 13.50
O3B FAD D . -21.01 3.87 14.31
C2B FAD D . -20.61 1.70 13.54
O2B FAD D . -21.14 1.35 14.77
C1B FAD D . -21.67 1.74 12.48
N9A FAD D . -22.12 0.44 12.06
C8A FAD D . -21.40 -0.83 12.08
N7A FAD D . -22.24 -1.80 11.55
C5A FAD D . -23.43 -1.18 11.22
C6A FAD D . -24.50 -1.74 10.69
N6A FAD D . -24.59 -3.10 10.41
N1A FAD D . -25.57 -0.89 10.42
C2A FAD D . -25.47 0.46 10.83
N3A FAD D . -24.27 0.98 11.32
C4A FAD D . -23.34 0.12 11.50
N1 FAD D . -10.31 7.61 4.43
C2 FAD D . -10.23 8.06 3.09
O2 FAD D . -11.31 8.48 2.49
N3 FAD D . -9.03 8.09 2.42
C4 FAD D . -7.89 7.67 3.02
O4 FAD D . -6.75 7.67 2.36
C4X FAD D . -7.93 7.21 4.39
N5 FAD D . -6.76 6.85 5.00
C5X FAD D . -6.84 6.37 6.33
C6 FAD D . -5.68 5.92 6.96
C7 FAD D . -5.70 5.45 8.26
C7M FAD D . -4.40 4.97 8.91
C8 FAD D . -6.95 5.42 8.93
C8M FAD D . -7.08 4.90 10.35
C9 FAD D . -8.10 5.83 8.30
C9A FAD D . -8.10 6.32 6.99
N10 FAD D . -9.29 6.75 6.35
C10 FAD D . -9.18 7.18 5.04
C1' FAD D . -10.58 6.65 7.04
C2' FAD D . -11.07 5.20 6.89
O2' FAD D . -11.16 4.72 5.60
C3' FAD D . -12.45 5.11 7.54
O3' FAD D . -12.29 5.49 8.86
C4' FAD D . -13.09 3.70 7.52
O4' FAD D . -13.28 3.35 6.14
C5' FAD D . -14.42 3.65 8.27
O5' FAD D . -14.83 2.27 8.21
P FAD D . -14.98 1.52 9.60
O1P FAD D . -15.46 0.14 9.34
O2P FAD D . -13.77 1.68 10.42
O3P FAD D . -16.16 2.42 10.22
CAA 6A1 E . 2.75 -4.52 -11.97
OAP 6A1 E . 3.95 -5.08 -12.43
CAQ 6A1 E . 4.54 -5.95 -11.59
CAK 6A1 E . 5.88 -6.31 -11.80
CAF 6A1 E . 3.78 -6.45 -10.54
CAI 6A1 E . 4.35 -7.36 -9.63
CAV 6A1 E . 5.70 -7.73 -9.88
CAU 6A1 E . 6.46 -7.21 -10.91
CAS 6A1 E . 7.89 -7.60 -11.09
OAD 6A1 E . 8.64 -7.12 -12.10
CAW 6A1 E . 8.42 -8.54 -10.09
CAX 6A1 E . 7.55 -9.00 -9.12
NAY 6A1 E . 6.29 -8.61 -8.98
CAJ 6A1 E . 5.66 -9.22 -7.89
NAN 6A1 E . 6.63 -10.04 -7.27
CAT 6A1 E . 7.82 -9.89 -8.06
CAH 6A1 E . 9.12 -10.43 -7.98
CAG 6A1 E . 10.09 -9.97 -8.94
CAR 6A1 E . 9.77 -9.12 -10.05
NAO 6A1 E . 10.85 -8.63 -10.92
CAL 6A1 E . 10.86 -8.81 -12.35
CAM 6A1 E . 12.21 -9.17 -12.95
NAZ 6A1 E . 12.70 -10.51 -12.76
CAB 6A1 E . 12.22 -11.31 -13.88
CAC 6A1 E . 14.16 -10.39 -12.54
OAE 6A1 E . 12.19 -11.04 -11.67
N1 IMD F . 17.86 -18.12 6.23
C2 IMD F . 17.68 -19.26 5.50
N3 IMD F . 16.41 -19.30 5.06
C4 IMD F . 15.80 -18.17 5.48
C5 IMD F . 16.69 -17.43 6.23
HN1 IMD F . 18.69 -17.85 6.67
H2 IMD F . 18.35 -19.95 5.35
HN3 IMD F . 16.01 -20.00 4.51
H4 IMD F . 14.87 -17.93 5.31
H5 IMD F . 16.53 -16.56 6.65
CAA 6A1 G . -6.75 11.28 1.55
OAP 6A1 G . -7.81 11.36 2.45
CAQ 6A1 G . -7.56 10.88 3.69
CAK 6A1 G . -8.64 10.79 4.59
CAF 6A1 G . -6.26 10.50 4.01
CAI 6A1 G . -5.97 10.01 5.27
CAV 6A1 G . -7.05 9.94 6.19
CAU 6A1 G . -8.35 10.30 5.88
CAS 6A1 G . -9.46 10.19 6.84
OAD 6A1 G . -10.71 10.58 6.49
CAW 6A1 G . -9.09 9.66 8.18
CAX 6A1 G . -7.78 9.33 8.38
NAY 6A1 G . -6.78 9.45 7.48
CAJ 6A1 G . -5.55 9.01 8.02
NAN 6A1 G . -5.82 8.59 9.36
CAT 6A1 G . -7.23 8.80 9.58
CAH 6A1 G . -8.10 8.59 10.69
CAG 6A1 G . -9.52 8.79 10.44
CAR 6A1 G . -10.02 9.46 9.30
NAO 6A1 G . -11.47 9.66 9.12
CAL 6A1 G . -12.34 9.56 10.26
CAM 6A1 G . -12.55 10.81 11.10
NAZ 6A1 G . -13.88 11.33 11.18
CAB 6A1 G . -13.75 12.76 11.51
CAC 6A1 G . -14.58 10.94 9.95
OAE 6A1 G . -14.53 10.80 12.18
ZN ZN H . -1.45 16.50 -4.64
PA FAD I . 18.68 -5.28 -6.84
O1A FAD I . 19.23 -5.35 -5.45
O2A FAD I . 18.35 -6.63 -7.50
O5B FAD I . 19.74 -4.57 -7.75
C5B FAD I . 19.80 -4.77 -9.15
C4B FAD I . 21.27 -4.86 -9.52
O4B FAD I . 21.93 -3.62 -9.27
C3B FAD I . 21.99 -5.92 -8.69
O3B FAD I . 22.76 -6.70 -9.58
C2B FAD I . 22.81 -5.13 -7.79
O2B FAD I . 24.00 -5.72 -7.32
C1B FAD I . 23.14 -3.92 -8.64
N9A FAD I . 23.67 -2.82 -7.90
C8A FAD I . 23.48 -2.53 -6.50
N7A FAD I . 24.17 -1.37 -6.20
C5A FAD I . 24.81 -0.95 -7.36
C6A FAD I . 25.58 0.10 -7.55
N6A FAD I . 26.11 0.84 -6.48
N1A FAD I . 25.99 0.35 -8.87
C2A FAD I . 25.79 -0.67 -9.85
N3A FAD I . 24.92 -1.73 -9.56
C4A FAD I . 24.49 -1.81 -8.37
N1 FAD I . 8.18 -4.15 -10.01
C2 FAD I . 7.31 -3.33 -10.75
O2 FAD I . 7.77 -2.66 -11.78
N3 FAD I . 6.01 -3.17 -10.37
C4 FAD I . 5.50 -3.84 -9.30
O4 FAD I . 4.26 -3.63 -8.96
C4X FAD I . 6.36 -4.73 -8.53
N5 FAD I . 5.85 -5.42 -7.46
C5X FAD I . 6.72 -6.22 -6.72
C6 FAD I . 6.20 -6.90 -5.62
C7 FAD I . 7.06 -7.70 -4.87
C7M FAD I . 6.50 -8.40 -3.66
C8 FAD I . 8.40 -7.85 -5.24
C8M FAD I . 9.32 -8.74 -4.42
C9 FAD I . 8.92 -7.16 -6.32
C9A FAD I . 8.09 -6.36 -7.12
N10 FAD I . 8.59 -5.63 -8.22
C10 FAD I . 7.72 -4.83 -8.92
C1' FAD I . 10.04 -5.72 -8.62
C2' FAD I . 10.77 -4.67 -7.69
O2' FAD I . 10.32 -3.36 -7.74
C3' FAD I . 12.25 -4.67 -8.15
O3' FAD I . 12.72 -5.97 -8.05
C4' FAD I . 13.16 -3.78 -7.28
O4' FAD I . 12.74 -2.46 -7.55
C5' FAD I . 14.59 -3.96 -7.66
O5' FAD I . 15.37 -3.11 -6.80
P FAD I . 16.42 -3.81 -5.88
O1P FAD I . 17.08 -2.76 -5.08
O2P FAD I . 15.91 -4.97 -5.14
O3P FAD I . 17.41 -4.29 -7.01
#